data_1YB2
#
_entry.id   1YB2
#
_cell.length_a   72.316
_cell.length_b   60.557
_cell.length_c   65.841
_cell.angle_alpha   90.00
_cell.angle_beta   105.12
_cell.angle_gamma   90.00
#
_symmetry.space_group_name_H-M   'C 1 2 1'
#
loop_
_entity.id
_entity.type
_entity.pdbx_description
1 polymer 'hypothetical protein Ta0852'
2 water water
#
_entity_poly.entity_id   1
_entity_poly.type   'polypeptide(L)'
_entity_poly.pdbx_seq_one_letter_code
;MGSSHHHHHHSSGLVPRGSHMKRSSPVILVSEDEYGKFDESTNSILVKGK(MSE)HHLGISRVIEPGDELIVSGKSFIVS
DFSP(MSE)YFGRVIRRNTQIISEIDASYIIMRCGLRPG(MSE)DILEVGVGSGN(MSE)SSYILYALNGKGTLTVVERD
EDNLKKA(MSE)DNLSEFYDIGNVRTSRSDIADFISDQ(MSE)YDAVIADIPDPWNHVQKIAS(MSE)(MSE)KPGSVAT
FYLPNFDQSEKTVLSLSASG(MSE)HHLETVEL(MSE)KRRILVREGATRPASDDLTHTAFITFAIKKSG(MSE)VYRI
;
_entity_poly.pdbx_strand_id   A
#
# COMPACT_ATOMS: atom_id res chain seq x y z
N PRO A 26 17.63 -6.72 -0.54
CA PRO A 26 17.13 -5.94 -1.66
C PRO A 26 17.46 -6.62 -2.98
N VAL A 27 16.44 -6.97 -3.75
CA VAL A 27 16.66 -7.73 -4.98
C VAL A 27 15.95 -7.12 -6.20
N ILE A 28 14.96 -6.27 -5.97
CA ILE A 28 14.13 -5.72 -7.03
C ILE A 28 14.38 -4.22 -7.21
N LEU A 29 14.41 -3.77 -8.46
CA LEU A 29 14.42 -2.34 -8.77
C LEU A 29 13.06 -1.96 -9.38
N VAL A 30 12.33 -1.10 -8.69
CA VAL A 30 10.97 -0.77 -9.13
C VAL A 30 10.88 0.67 -9.64
N SER A 31 9.82 0.97 -10.39
CA SER A 31 9.56 2.33 -10.86
C SER A 31 8.15 2.42 -11.41
N GLU A 32 7.77 3.61 -11.87
CA GLU A 32 6.47 3.83 -12.50
C GLU A 32 6.40 3.15 -13.88
N ASP A 33 7.53 2.68 -14.41
CA ASP A 33 7.44 1.83 -15.63
C ASP A 33 8.29 0.55 -15.70
N GLU A 34 9.60 0.69 -15.88
CA GLU A 34 10.47 -0.51 -15.95
C GLU A 34 10.91 -1.04 -14.59
N TYR A 35 11.07 -2.35 -14.51
CA TYR A 35 11.59 -3.00 -13.33
C TYR A 35 12.92 -3.67 -13.64
N GLY A 36 13.73 -3.87 -12.61
CA GLY A 36 15.05 -4.46 -12.78
C GLY A 36 15.40 -5.33 -11.60
N LYS A 37 16.62 -5.86 -11.62
CA LYS A 37 17.11 -6.70 -10.55
C LYS A 37 18.40 -6.15 -9.97
N PHE A 38 18.53 -6.28 -8.66
CA PHE A 38 19.70 -5.77 -7.94
C PHE A 38 20.36 -6.90 -7.14
N ASP A 39 21.68 -6.97 -7.21
CA ASP A 39 22.46 -7.93 -6.42
C ASP A 39 23.33 -7.12 -5.47
N GLU A 40 23.06 -7.25 -4.17
CA GLU A 40 23.73 -6.42 -3.14
C GLU A 40 25.15 -6.84 -2.83
N SER A 41 25.47 -8.11 -3.11
CA SER A 41 26.84 -8.61 -2.92
C SER A 41 27.83 -7.88 -3.81
N THR A 42 27.38 -7.57 -5.02
CA THR A 42 28.24 -7.04 -6.07
C THR A 42 27.80 -5.61 -6.48
N ASN A 43 26.69 -5.14 -5.90
CA ASN A 43 26.06 -3.85 -6.26
C ASN A 43 25.79 -3.69 -7.76
N SER A 44 25.30 -4.75 -8.38
CA SER A 44 25.00 -4.76 -9.81
C SER A 44 23.53 -4.45 -10.09
N ILE A 45 23.31 -3.76 -11.21
CA ILE A 45 21.98 -3.35 -11.66
C ILE A 45 21.71 -4.01 -13.02
N LEU A 46 20.67 -4.84 -13.11
CA LEU A 46 20.23 -5.38 -14.39
C LEU A 46 18.80 -4.92 -14.72
N VAL A 47 18.69 -4.05 -15.73
CA VAL A 47 17.37 -3.60 -16.20
C VAL A 47 17.12 -3.97 -17.67
N GLY A 49 17.86 -7.15 -19.12
CA GLY A 49 18.40 -6.46 -20.28
C GLY A 49 19.87 -6.08 -20.12
N LYS A 50 20.12 -4.77 -20.03
CA LYS A 50 21.48 -4.22 -19.96
C LYS A 50 21.97 -4.03 -18.52
N HIS A 52 24.68 -2.56 -15.28
CA HIS A 52 25.49 -1.49 -14.68
C HIS A 52 25.98 -1.92 -13.30
N HIS A 53 26.95 -1.19 -12.77
CA HIS A 53 27.44 -1.41 -11.41
C HIS A 53 27.53 -0.09 -10.65
N LEU A 54 27.27 -0.14 -9.34
CA LEU A 54 27.56 0.99 -8.46
C LEU A 54 28.96 0.81 -7.88
N GLY A 55 29.59 1.94 -7.54
CA GLY A 55 30.88 1.91 -6.86
C GLY A 55 30.71 1.66 -5.37
N SER A 57 31.77 1.09 -2.35
CA SER A 57 30.99 -0.07 -1.92
C SER A 57 30.13 0.20 -0.67
N ARG A 58 29.34 1.28 -0.70
CA ARG A 58 28.36 1.51 0.38
C ARG A 58 27.22 0.48 0.27
N VAL A 59 26.54 0.26 1.39
CA VAL A 59 25.50 -0.75 1.46
C VAL A 59 24.17 -0.13 1.03
N ILE A 60 23.60 -0.69 -0.03
CA ILE A 60 22.33 -0.24 -0.57
C ILE A 60 21.21 -0.85 0.27
N GLU A 61 20.19 -0.03 0.56
CA GLU A 61 19.07 -0.42 1.43
C GLU A 61 17.74 -0.26 0.67
N PRO A 62 16.72 -1.03 1.08
CA PRO A 62 15.38 -0.81 0.51
C PRO A 62 14.98 0.67 0.60
N GLY A 63 14.29 1.17 -0.41
CA GLY A 63 13.89 2.58 -0.46
C GLY A 63 14.95 3.49 -1.08
N ASP A 64 16.20 3.04 -1.23
CA ASP A 64 17.24 3.88 -1.88
C ASP A 64 16.86 4.11 -3.35
N GLU A 65 17.15 5.30 -3.85
CA GLU A 65 16.88 5.64 -5.24
C GLU A 65 18.18 5.52 -6.03
N LEU A 66 18.14 4.73 -7.09
CA LEU A 66 19.28 4.60 -7.99
C LEU A 66 18.89 5.24 -9.32
N ILE A 67 19.62 6.27 -9.70
CA ILE A 67 19.36 6.99 -10.95
C ILE A 67 20.39 6.54 -11.97
N VAL A 68 19.95 5.72 -12.91
CA VAL A 68 20.85 5.20 -13.92
C VAL A 68 20.48 5.79 -15.28
N SER A 69 21.41 6.59 -15.81
CA SER A 69 21.25 7.39 -17.04
C SER A 69 20.02 8.30 -17.04
N GLY A 70 19.75 8.93 -15.91
CA GLY A 70 18.63 9.85 -15.79
C GLY A 70 17.31 9.22 -15.42
N LYS A 71 17.27 7.89 -15.32
CA LYS A 71 16.04 7.21 -14.91
C LYS A 71 16.11 6.67 -13.47
N SER A 72 15.07 7.01 -12.69
CA SER A 72 14.97 6.61 -11.29
C SER A 72 14.42 5.19 -11.07
N PHE A 73 15.14 4.43 -10.25
CA PHE A 73 14.63 3.16 -9.74
C PHE A 73 14.69 3.19 -8.23
N ILE A 74 13.69 2.59 -7.58
CA ILE A 74 13.71 2.44 -6.12
C ILE A 74 14.07 0.99 -5.77
N VAL A 75 15.03 0.82 -4.86
CA VAL A 75 15.38 -0.50 -4.35
C VAL A 75 14.28 -1.06 -3.45
N SER A 76 13.87 -2.28 -3.74
CA SER A 76 12.88 -2.95 -2.92
C SER A 76 13.29 -4.41 -2.60
N ASP A 77 12.82 -4.92 -1.47
CA ASP A 77 12.81 -6.38 -1.26
C ASP A 77 11.76 -6.98 -2.20
N PHE A 78 11.93 -8.26 -2.54
CA PHE A 78 10.90 -8.95 -3.30
C PHE A 78 9.54 -8.90 -2.62
N SER A 79 8.50 -8.73 -3.43
CA SER A 79 7.12 -8.85 -2.99
C SER A 79 6.36 -9.42 -4.17
N PRO A 80 5.33 -10.25 -3.92
CA PRO A 80 4.62 -10.89 -5.04
C PRO A 80 3.99 -9.92 -6.02
N TYR A 82 5.46 -7.61 -7.43
CA TYR A 82 6.51 -7.33 -8.44
C TYR A 82 6.87 -8.50 -9.34
N PHE A 83 6.41 -9.70 -8.97
CA PHE A 83 6.82 -10.94 -9.62
C PHE A 83 6.62 -10.89 -11.13
N GLY A 84 5.43 -10.52 -11.57
CA GLY A 84 5.13 -10.48 -13.00
C GLY A 84 5.95 -9.47 -13.81
N ARG A 85 6.40 -8.41 -13.15
CA ARG A 85 7.19 -7.35 -13.79
C ARG A 85 8.66 -7.72 -13.94
N VAL A 86 9.17 -8.55 -13.04
CA VAL A 86 10.60 -8.93 -13.06
C VAL A 86 10.92 -10.24 -13.77
N ILE A 87 9.92 -11.09 -14.00
CA ILE A 87 10.18 -12.33 -14.71
C ILE A 87 10.28 -12.07 -16.21
N CYS A 106 -1.76 -6.60 -3.24
CA CYS A 106 -0.55 -6.41 -2.45
C CYS A 106 -0.13 -7.69 -1.73
N GLY A 107 0.99 -7.62 -1.02
CA GLY A 107 1.57 -8.79 -0.42
C GLY A 107 1.45 -8.77 1.07
N LEU A 108 0.41 -9.42 1.57
CA LEU A 108 0.27 -9.63 3.01
C LEU A 108 0.84 -11.00 3.37
N ARG A 109 1.58 -11.02 4.47
CA ARG A 109 2.16 -12.24 5.02
C ARG A 109 2.23 -12.06 6.54
N PRO A 110 2.23 -13.18 7.28
CA PRO A 110 2.40 -13.12 8.74
C PRO A 110 3.66 -12.37 9.20
N GLY A 111 3.55 -11.69 10.33
CA GLY A 111 4.67 -11.02 10.96
C GLY A 111 4.75 -9.52 10.70
N ASP A 113 3.75 -5.54 10.54
CA ASP A 113 3.02 -4.51 11.29
C ASP A 113 2.35 -3.57 10.29
N ILE A 114 1.03 -3.64 10.24
CA ILE A 114 0.23 -2.96 9.24
C ILE A 114 -0.55 -1.82 9.85
N LEU A 115 -0.56 -0.70 9.15
CA LEU A 115 -1.35 0.47 9.54
C LEU A 115 -2.52 0.59 8.57
N GLU A 116 -3.74 0.64 9.11
CA GLU A 116 -4.93 0.86 8.32
C GLU A 116 -5.58 2.18 8.73
N VAL A 117 -5.64 3.11 7.78
CA VAL A 117 -6.20 4.44 7.99
C VAL A 117 -7.57 4.49 7.30
N GLY A 118 -8.61 4.51 8.13
CA GLY A 118 -9.99 4.38 7.64
C GLY A 118 -10.38 2.92 7.65
N VAL A 119 -11.40 2.59 8.44
CA VAL A 119 -11.74 1.19 8.65
C VAL A 119 -12.89 0.66 7.78
N GLY A 120 -13.81 1.54 7.35
CA GLY A 120 -15.03 1.08 6.66
C GLY A 120 -15.85 0.11 7.50
N SER A 121 -16.23 -1.03 6.91
CA SER A 121 -17.04 -2.04 7.57
C SER A 121 -16.17 -3.00 8.40
N GLY A 122 -14.86 -2.93 8.18
CA GLY A 122 -13.97 -3.88 8.85
C GLY A 122 -13.64 -5.00 7.89
N ASN A 123 -14.18 -4.94 6.68
CA ASN A 123 -13.93 -5.97 5.68
C ASN A 123 -12.45 -6.14 5.35
N SER A 125 -9.95 -5.12 7.24
CA SER A 125 -9.35 -5.56 8.49
C SER A 125 -9.45 -7.07 8.63
N SER A 126 -10.57 -7.62 8.16
CA SER A 126 -10.78 -9.06 8.25
C SER A 126 -9.79 -9.82 7.37
N TYR A 127 -9.64 -9.42 6.10
CA TYR A 127 -8.61 -10.00 5.25
C TYR A 127 -7.19 -9.87 5.82
N ILE A 128 -6.89 -8.73 6.43
CA ILE A 128 -5.57 -8.50 7.03
C ILE A 128 -5.34 -9.50 8.16
N LEU A 129 -6.31 -9.61 9.07
CA LEU A 129 -6.14 -10.51 10.21
C LEU A 129 -6.04 -11.98 9.80
N TYR A 130 -6.80 -12.37 8.78
CA TYR A 130 -6.73 -13.74 8.27
C TYR A 130 -5.34 -14.04 7.73
N ALA A 131 -4.78 -13.10 6.98
CA ALA A 131 -3.44 -13.24 6.39
C ALA A 131 -2.32 -13.23 7.44
N LEU A 132 -2.45 -12.38 8.45
CA LEU A 132 -1.49 -12.31 9.54
C LEU A 132 -1.43 -13.60 10.34
N ASN A 133 -2.58 -14.29 10.45
CA ASN A 133 -2.63 -15.61 11.08
C ASN A 133 -2.10 -15.58 12.53
N GLY A 134 -2.44 -14.51 13.25
CA GLY A 134 -2.01 -14.36 14.63
C GLY A 134 -0.61 -13.81 14.82
N LYS A 135 0.12 -13.58 13.72
CA LYS A 135 1.51 -13.09 13.79
C LYS A 135 1.64 -11.72 13.15
N GLY A 136 2.19 -10.78 13.91
CA GLY A 136 2.24 -9.40 13.48
C GLY A 136 1.07 -8.68 14.09
N THR A 137 0.83 -7.45 13.64
CA THR A 137 -0.13 -6.58 14.30
C THR A 137 -0.85 -5.72 13.28
N LEU A 138 -2.07 -5.31 13.64
CA LEU A 138 -2.84 -4.36 12.86
C LEU A 138 -3.16 -3.17 13.76
N THR A 139 -2.88 -1.99 13.23
CA THR A 139 -3.24 -0.72 13.85
C THR A 139 -4.25 0.03 13.00
N VAL A 140 -5.39 0.32 13.60
CA VAL A 140 -6.50 0.95 12.88
C VAL A 140 -6.69 2.36 13.41
N VAL A 141 -6.58 3.34 12.52
CA VAL A 141 -6.81 4.75 12.83
C VAL A 141 -8.11 5.13 12.15
N GLU A 142 -9.12 5.48 12.95
CA GLU A 142 -10.46 5.81 12.44
C GLU A 142 -11.05 7.02 13.16
N ARG A 143 -11.42 8.05 12.39
CA ARG A 143 -11.95 9.30 12.96
C ARG A 143 -13.38 9.19 13.54
N ASP A 144 -14.17 8.28 12.99
CA ASP A 144 -15.56 8.11 13.42
C ASP A 144 -15.70 7.04 14.50
N GLU A 145 -16.11 7.47 15.70
CA GLU A 145 -16.16 6.58 16.87
C GLU A 145 -17.12 5.41 16.65
N ASP A 146 -18.25 5.69 16.03
CA ASP A 146 -19.31 4.69 15.86
C ASP A 146 -18.90 3.67 14.80
N ASN A 147 -18.38 4.14 13.67
CA ASN A 147 -17.83 3.27 12.63
C ASN A 147 -16.72 2.37 13.17
N LEU A 148 -15.87 2.93 14.04
CA LEU A 148 -14.78 2.15 14.66
C LEU A 148 -15.32 1.03 15.55
N LYS A 149 -16.24 1.38 16.46
CA LYS A 149 -16.86 0.40 17.35
C LYS A 149 -17.56 -0.72 16.57
N LYS A 150 -18.37 -0.34 15.57
CA LYS A 150 -19.07 -1.29 14.71
C LYS A 150 -18.12 -2.29 14.04
N ALA A 151 -17.02 -1.77 13.49
CA ALA A 151 -16.03 -2.60 12.79
C ALA A 151 -15.39 -3.57 13.74
N ASP A 153 -16.45 -4.60 16.72
CA ASP A 153 -17.47 -5.55 17.18
C ASP A 153 -17.65 -6.68 16.15
N ASN A 154 -17.78 -6.32 14.87
CA ASN A 154 -17.89 -7.28 13.79
C ASN A 154 -16.69 -8.20 13.70
N LEU A 155 -15.49 -7.63 13.76
CA LEU A 155 -14.27 -8.41 13.69
C LEU A 155 -14.15 -9.39 14.85
N SER A 156 -14.49 -8.94 16.06
CA SER A 156 -14.30 -9.75 17.25
C SER A 156 -15.20 -11.02 17.26
N GLU A 157 -16.23 -11.02 16.42
CA GLU A 157 -17.10 -12.19 16.30
C GLU A 157 -16.37 -13.37 15.63
N PHE A 158 -15.40 -13.06 14.77
CA PHE A 158 -14.74 -14.09 13.95
C PHE A 158 -13.25 -14.22 14.21
N TYR A 159 -12.66 -13.23 14.87
CA TYR A 159 -11.22 -13.21 15.09
C TYR A 159 -10.87 -12.92 16.53
N ASP A 160 -9.76 -13.51 16.99
CA ASP A 160 -9.09 -13.00 18.17
C ASP A 160 -8.49 -11.66 17.75
N ILE A 161 -8.82 -10.58 18.45
CA ILE A 161 -8.33 -9.26 18.05
C ILE A 161 -7.24 -8.75 19.00
N GLY A 162 -6.56 -9.70 19.65
CA GLY A 162 -5.50 -9.40 20.59
C GLY A 162 -4.29 -8.74 19.96
N ASN A 163 -4.12 -8.91 18.64
CA ASN A 163 -3.07 -8.23 17.88
C ASN A 163 -3.54 -6.99 17.12
N VAL A 164 -4.68 -6.45 17.54
CA VAL A 164 -5.21 -5.22 16.95
C VAL A 164 -5.16 -4.07 17.95
N ARG A 165 -4.69 -2.91 17.47
CA ARG A 165 -4.70 -1.67 18.24
C ARG A 165 -5.51 -0.62 17.47
N THR A 166 -6.25 0.22 18.20
CA THR A 166 -7.06 1.23 17.55
C THR A 166 -6.76 2.63 18.07
N SER A 167 -6.84 3.61 17.17
CA SER A 167 -6.82 5.00 17.55
C SER A 167 -8.03 5.68 16.95
N ARG A 168 -8.90 6.20 17.80
CA ARG A 168 -10.04 6.97 17.36
C ARG A 168 -9.54 8.41 17.22
N SER A 169 -9.08 8.75 16.02
CA SER A 169 -8.53 10.06 15.76
C SER A 169 -8.44 10.26 14.25
N ASP A 170 -8.27 11.51 13.84
CA ASP A 170 -7.90 11.82 12.47
C ASP A 170 -6.43 11.49 12.33
N ILE A 171 -6.06 10.99 11.15
CA ILE A 171 -4.67 10.65 10.85
C ILE A 171 -3.71 11.82 11.08
N ALA A 172 -4.18 13.05 10.86
CA ALA A 172 -3.36 14.25 11.10
C ALA A 172 -2.86 14.33 12.55
N ASP A 173 -3.74 13.96 13.48
CA ASP A 173 -3.45 14.03 14.92
C ASP A 173 -2.81 12.76 15.44
N PHE A 174 -2.85 11.68 14.64
CA PHE A 174 -2.37 10.39 15.09
C PHE A 174 -0.87 10.41 15.33
N ILE A 175 -0.46 9.94 16.48
CA ILE A 175 0.95 9.91 16.82
C ILE A 175 1.36 8.46 17.04
N SER A 176 2.38 8.04 16.31
CA SER A 176 2.91 6.71 16.51
C SER A 176 4.41 6.77 16.56
N ASP A 177 4.98 5.98 17.45
CA ASP A 177 6.42 5.83 17.54
C ASP A 177 6.91 4.75 16.56
N GLN A 178 5.98 3.88 16.14
CA GLN A 178 6.29 2.73 15.31
C GLN A 178 6.38 3.07 13.83
N TYR A 180 5.74 1.21 10.10
CA TYR A 180 4.87 0.12 9.62
C TYR A 180 5.41 -0.56 8.37
N ASP A 181 5.08 -1.83 8.18
CA ASP A 181 5.53 -2.60 7.02
C ASP A 181 4.67 -2.35 5.80
N ALA A 182 3.47 -1.80 6.01
CA ALA A 182 2.48 -1.54 4.95
C ALA A 182 1.46 -0.58 5.50
N VAL A 183 0.94 0.26 4.62
CA VAL A 183 -0.14 1.17 4.95
C VAL A 183 -1.25 0.95 3.95
N ILE A 184 -2.47 0.84 4.48
CA ILE A 184 -3.66 0.72 3.67
C ILE A 184 -4.58 1.86 4.07
N ALA A 185 -4.88 2.73 3.10
CA ALA A 185 -5.62 3.96 3.36
C ALA A 185 -6.92 4.09 2.56
N ASP A 186 -8.01 4.32 3.28
CA ASP A 186 -9.33 4.52 2.69
C ASP A 186 -9.93 5.71 3.41
N ILE A 187 -9.43 6.89 3.07
CA ILE A 187 -9.90 8.16 3.61
C ILE A 187 -10.24 9.11 2.47
N PRO A 188 -11.10 10.13 2.74
CA PRO A 188 -11.53 11.11 1.75
C PRO A 188 -10.38 11.87 1.09
N ASP A 189 -9.45 12.39 1.89
CA ASP A 189 -8.45 13.31 1.37
C ASP A 189 -7.01 12.89 1.68
N PRO A 190 -6.54 11.77 1.08
CA PRO A 190 -5.17 11.34 1.42
C PRO A 190 -4.08 12.32 1.02
N TRP A 191 -4.29 13.12 -0.04
CA TRP A 191 -3.31 14.15 -0.44
C TRP A 191 -2.93 15.10 0.69
N ASN A 192 -3.79 15.25 1.69
CA ASN A 192 -3.50 16.14 2.80
C ASN A 192 -2.71 15.48 3.92
N HIS A 193 -2.44 14.18 3.76
CA HIS A 193 -1.80 13.39 4.82
C HIS A 193 -0.65 12.52 4.35
N VAL A 194 -0.17 12.75 3.13
CA VAL A 194 0.90 11.95 2.58
C VAL A 194 2.23 12.11 3.35
N GLN A 195 2.58 13.33 3.76
CA GLN A 195 3.83 13.49 4.51
C GLN A 195 3.78 12.80 5.87
N LYS A 196 2.65 12.99 6.57
CA LYS A 196 2.38 12.25 7.80
C LYS A 196 2.46 10.72 7.64
N ILE A 197 1.73 10.18 6.68
CA ILE A 197 1.72 8.74 6.38
C ILE A 197 3.13 8.26 6.01
N ALA A 198 3.80 9.00 5.12
CA ALA A 198 5.18 8.67 4.76
C ALA A 198 6.10 8.56 5.97
N SER A 199 5.97 9.50 6.92
CA SER A 199 6.83 9.51 8.10
C SER A 199 6.72 8.26 8.98
N LYS A 202 8.24 2.22 6.94
CA LYS A 202 9.61 1.73 6.73
C LYS A 202 10.05 2.02 5.29
N PRO A 203 11.33 2.41 5.09
CA PRO A 203 11.79 2.60 3.70
C PRO A 203 11.58 1.33 2.86
N GLY A 204 11.10 1.47 1.63
CA GLY A 204 10.93 0.31 0.76
C GLY A 204 9.57 -0.37 0.93
N SER A 205 8.79 0.10 1.91
CA SER A 205 7.45 -0.42 2.16
C SER A 205 6.41 0.28 1.23
N VAL A 206 5.26 -0.36 1.09
CA VAL A 206 4.23 0.08 0.13
C VAL A 206 2.98 0.61 0.84
N ALA A 207 2.42 1.68 0.29
CA ALA A 207 1.16 2.23 0.73
C ALA A 207 0.14 2.03 -0.37
N THR A 208 -1.05 1.62 0.03
CA THR A 208 -2.14 1.40 -0.92
C THR A 208 -3.24 2.40 -0.59
N PHE A 209 -3.68 3.19 -1.58
CA PHE A 209 -4.70 4.20 -1.38
C PHE A 209 -5.93 3.84 -2.19
N TYR A 210 -7.10 3.81 -1.56
CA TYR A 210 -8.38 3.53 -2.24
C TYR A 210 -9.14 4.84 -2.38
N LEU A 211 -9.51 5.20 -3.62
CA LEU A 211 -10.26 6.41 -3.92
C LEU A 211 -11.51 6.05 -4.75
N PRO A 212 -12.61 6.80 -4.59
CA PRO A 212 -13.82 6.40 -5.30
C PRO A 212 -13.92 6.91 -6.74
N ASN A 213 -13.11 7.90 -7.11
CA ASN A 213 -13.17 8.41 -8.48
C ASN A 213 -11.84 8.87 -9.05
N PHE A 214 -11.87 9.13 -10.36
CA PHE A 214 -10.67 9.47 -11.11
C PHE A 214 -10.03 10.76 -10.61
N ASP A 215 -10.83 11.81 -10.41
CA ASP A 215 -10.29 13.11 -9.99
C ASP A 215 -9.54 13.08 -8.65
N GLN A 216 -10.06 12.31 -7.69
CA GLN A 216 -9.42 12.15 -6.38
C GLN A 216 -8.14 11.31 -6.48
N SER A 217 -8.21 10.28 -7.33
CA SER A 217 -7.09 9.42 -7.67
C SER A 217 -5.92 10.24 -8.23
N GLU A 218 -6.24 11.13 -9.17
CA GLU A 218 -5.25 11.98 -9.82
C GLU A 218 -4.60 12.97 -8.83
N LYS A 219 -5.44 13.59 -8.00
CA LYS A 219 -4.95 14.48 -6.94
C LYS A 219 -4.02 13.74 -5.97
N THR A 220 -4.38 12.52 -5.62
CA THR A 220 -3.57 11.68 -4.75
C THR A 220 -2.19 11.41 -5.37
N VAL A 221 -2.18 11.04 -6.65
CA VAL A 221 -0.93 10.72 -7.33
C VAL A 221 -0.02 11.95 -7.42
N LEU A 222 -0.62 13.09 -7.73
CA LEU A 222 0.10 14.35 -7.83
C LEU A 222 0.73 14.75 -6.52
N SER A 223 0.11 14.38 -5.40
CA SER A 223 0.65 14.69 -4.08
C SER A 223 1.84 13.80 -3.62
N LEU A 224 2.08 12.69 -4.31
CA LEU A 224 3.07 11.68 -3.85
C LEU A 224 4.58 12.09 -3.75
N SER A 225 5.11 12.67 -4.83
CA SER A 225 6.54 13.02 -4.87
C SER A 225 7.02 13.94 -3.72
N ALA A 226 6.23 14.97 -3.39
CA ALA A 226 6.61 15.87 -2.27
C ALA A 226 6.64 15.19 -0.90
N SER A 227 6.09 13.97 -0.80
CA SER A 227 6.01 13.30 0.48
C SER A 227 7.15 12.30 0.74
N GLY A 228 8.03 12.06 -0.24
CA GLY A 228 9.04 11.00 -0.08
C GLY A 228 8.54 9.61 -0.45
N HIS A 230 7.20 7.19 -3.84
CA HIS A 230 7.34 7.07 -5.29
C HIS A 230 6.14 6.30 -5.83
N HIS A 231 5.37 6.92 -6.73
CA HIS A 231 4.22 6.29 -7.39
C HIS A 231 4.65 5.07 -8.22
N LEU A 232 3.98 3.95 -8.01
CA LEU A 232 4.26 2.71 -8.73
C LEU A 232 3.23 2.58 -9.84
N GLU A 233 1.96 2.54 -9.45
CA GLU A 233 0.89 2.46 -10.42
C GLU A 233 -0.45 2.72 -9.76
N THR A 234 -1.39 3.12 -10.59
CA THR A 234 -2.77 3.33 -10.20
C THR A 234 -3.62 2.59 -11.21
N VAL A 235 -4.56 1.82 -10.69
CA VAL A 235 -5.50 1.07 -11.50
C VAL A 235 -6.94 1.47 -11.24
N GLU A 236 -7.75 1.46 -12.29
CA GLU A 236 -9.21 1.45 -12.15
C GLU A 236 -9.66 -0.02 -12.19
N LEU A 237 -10.33 -0.45 -11.11
CA LEU A 237 -10.85 -1.80 -11.00
C LEU A 237 -12.36 -1.71 -11.02
N LYS A 239 -15.91 -4.09 -10.92
CA LYS A 239 -16.45 -5.39 -10.60
C LYS A 239 -17.96 -5.42 -10.82
N ARG A 240 -18.46 -6.43 -11.49
CA ARG A 240 -19.89 -6.67 -11.48
C ARG A 240 -20.22 -8.14 -11.38
N ARG A 241 -21.22 -8.41 -10.57
CA ARG A 241 -21.71 -9.76 -10.41
C ARG A 241 -22.54 -10.18 -11.61
N ILE A 242 -22.29 -11.39 -12.07
CA ILE A 242 -22.98 -11.93 -13.23
C ILE A 242 -23.59 -13.29 -12.91
N LEU A 243 -24.43 -13.77 -13.83
CA LEU A 243 -24.99 -15.12 -13.79
C LEU A 243 -25.87 -15.36 -12.55
N VAL A 244 -26.59 -14.31 -12.16
CA VAL A 244 -27.65 -14.42 -11.17
C VAL A 244 -28.83 -15.10 -11.87
N ARG A 245 -29.53 -15.96 -11.13
CA ARG A 245 -30.68 -16.68 -11.66
C ARG A 245 -31.52 -15.72 -12.53
N GLU A 246 -31.71 -16.10 -13.79
CA GLU A 246 -32.51 -15.35 -14.75
C GLU A 246 -33.90 -15.03 -14.20
N GLY A 247 -34.22 -13.73 -14.16
CA GLY A 247 -35.55 -13.27 -13.75
C GLY A 247 -35.83 -13.28 -12.25
N ALA A 248 -34.81 -13.58 -11.45
CA ALA A 248 -34.94 -13.54 -9.99
C ALA A 248 -35.01 -12.11 -9.45
N THR A 249 -35.78 -11.93 -8.39
CA THR A 249 -35.75 -10.70 -7.62
C THR A 249 -34.43 -10.68 -6.85
N ARG A 250 -33.74 -9.55 -6.90
CA ARG A 250 -32.37 -9.45 -6.38
C ARG A 250 -32.15 -8.08 -5.74
N PRO A 251 -31.12 -7.97 -4.88
CA PRO A 251 -30.69 -6.66 -4.39
C PRO A 251 -30.32 -5.80 -5.59
N ALA A 252 -30.73 -4.54 -5.54
CA ALA A 252 -30.39 -3.59 -6.59
C ALA A 252 -28.87 -3.56 -6.87
N SER A 253 -28.06 -3.64 -5.82
CA SER A 253 -26.58 -3.60 -5.99
C SER A 253 -26.02 -4.62 -7.00
N ASP A 254 -26.64 -5.79 -7.07
CA ASP A 254 -26.16 -6.92 -7.88
C ASP A 254 -26.01 -6.62 -9.37
N ASP A 255 -26.88 -5.76 -9.91
CA ASP A 255 -26.77 -5.36 -11.33
C ASP A 255 -25.88 -4.12 -11.55
N LEU A 256 -25.29 -3.59 -10.48
CA LEU A 256 -24.45 -2.40 -10.57
C LEU A 256 -23.00 -2.80 -10.79
N THR A 257 -22.29 -2.02 -11.61
CA THR A 257 -20.86 -2.19 -11.62
C THR A 257 -20.25 -1.29 -10.54
N HIS A 258 -19.36 -1.87 -9.76
CA HIS A 258 -18.72 -1.17 -8.67
C HIS A 258 -17.27 -0.86 -9.05
N THR A 259 -16.83 0.37 -8.80
CA THR A 259 -15.54 0.87 -9.28
C THR A 259 -14.66 1.42 -8.17
N ALA A 260 -13.41 0.93 -8.11
CA ALA A 260 -12.40 1.45 -7.19
C ALA A 260 -11.19 1.97 -7.97
N PHE A 261 -10.57 3.02 -7.43
CA PHE A 261 -9.32 3.54 -7.98
C PHE A 261 -8.24 3.29 -6.94
N ILE A 262 -7.27 2.46 -7.29
CA ILE A 262 -6.30 1.99 -6.30
C ILE A 262 -4.90 2.44 -6.71
N THR A 263 -4.28 3.22 -5.83
CA THR A 263 -2.93 3.76 -6.06
C THR A 263 -1.93 3.04 -5.15
N PHE A 264 -0.83 2.56 -5.72
CA PHE A 264 0.27 1.98 -4.96
C PHE A 264 1.49 2.91 -5.03
N ALA A 265 2.16 3.09 -3.89
CA ALA A 265 3.35 3.93 -3.80
C ALA A 265 4.37 3.27 -2.87
N ILE A 266 5.65 3.46 -3.17
CA ILE A 266 6.73 2.96 -2.30
C ILE A 266 7.43 4.10 -1.54
N LYS A 267 7.64 3.92 -0.23
CA LYS A 267 8.41 4.87 0.60
C LYS A 267 9.90 4.86 0.23
N LYS A 268 10.44 6.03 -0.07
CA LYS A 268 11.87 6.17 -0.32
C LYS A 268 12.63 6.35 0.97
N SER A 269 13.87 5.85 1.03
CA SER A 269 14.71 6.09 2.20
C SER A 269 15.22 7.53 2.29
N GLY A 270 15.22 8.23 1.16
CA GLY A 270 15.79 9.56 1.08
C GLY A 270 17.20 9.59 0.47
N VAL A 272 19.95 8.87 -2.41
CA VAL A 272 20.01 8.84 -3.87
C VAL A 272 21.45 8.55 -4.35
N TYR A 273 21.60 7.56 -5.23
CA TYR A 273 22.86 7.26 -5.89
C TYR A 273 22.73 7.47 -7.39
N ARG A 274 23.77 7.99 -8.00
CA ARG A 274 23.78 8.25 -9.44
C ARG A 274 24.92 7.48 -10.08
N ILE A 275 24.61 6.73 -11.14
CA ILE A 275 25.66 6.13 -12.00
C ILE A 275 25.51 6.41 -13.51
#